data_1IRK
#
_entry.id   1IRK
#
_cell.length_a   54.030
_cell.length_b   72.990
_cell.length_c   89.180
_cell.angle_alpha   90.00
_cell.angle_beta   90.00
_cell.angle_gamma   90.00
#
_symmetry.space_group_name_H-M   'P 21 21 21'
#
loop_
_entity.id
_entity.type
_entity.pdbx_description
1 polymer 'INSULIN RECEPTOR TYROSINE KINASE DOMAIN'
2 non-polymer 'ETHYL MERCURY ION'
3 water water
#
_entity_poly.entity_id   1
_entity_poly.type   'polypeptide(L)'
_entity_poly.pdbx_seq_one_letter_code
;VFPSSVFVPDEWEVSREKITLLRELGQGSFGMVYEGNARDIIKGEAETRVAVKTVNESASLRERIEFLNEASVMKGFTCH
HVVRLLGVVSKGQPTLVVMELMAHGDLKSYLRSLRPEAENNPGRPPPTLQEMIQMAAEIADGMAYLNAKKFVHRDLAARN
CMVAHDFTVKIGDFGMTRDIYETDYYRKGGKGLLPVRWMAPESLKDGVFTTSSDMWSFGVVLWEITSLAEQPYQGLSNEQ
VLKFVMDGGYLDQPDNCPERVTDLMRMCWQFNPKMRPTFLEIVNLLKDDLHPSFPEVSFFHSEENK
;
_entity_poly.pdbx_strand_id   A
#
loop_
_chem_comp.id
_chem_comp.type
_chem_comp.name
_chem_comp.formula
EMC non-polymer 'ETHYL MERCURY ION' 'C2 H5 Hg 1'
#
# COMPACT_ATOMS: atom_id res chain seq x y z
N SER A 4 6.57 26.17 -6.58
CA SER A 4 7.82 25.86 -7.28
C SER A 4 7.68 24.60 -8.15
N SER A 5 7.28 24.77 -9.40
CA SER A 5 7.09 23.64 -10.30
C SER A 5 8.40 22.91 -10.64
N VAL A 6 8.51 21.67 -10.19
CA VAL A 6 9.67 20.84 -10.45
C VAL A 6 9.18 19.75 -11.39
N PHE A 7 9.68 19.73 -12.62
CA PHE A 7 9.23 18.72 -13.58
C PHE A 7 10.11 17.48 -13.74
N VAL A 8 9.46 16.38 -14.12
CA VAL A 8 10.14 15.10 -14.33
C VAL A 8 11.06 15.17 -15.58
N PRO A 9 12.03 14.23 -15.68
CA PRO A 9 12.93 14.22 -16.84
C PRO A 9 12.12 13.96 -18.11
N ASP A 10 12.65 14.42 -19.25
CA ASP A 10 12.01 14.25 -20.55
C ASP A 10 11.43 12.86 -20.76
N GLU A 11 12.18 11.85 -20.30
CA GLU A 11 11.80 10.46 -20.43
C GLU A 11 10.48 10.15 -19.76
N TRP A 12 10.13 10.94 -18.76
CA TRP A 12 8.89 10.76 -18.02
C TRP A 12 7.69 11.58 -18.51
N GLU A 13 7.88 12.40 -19.54
CA GLU A 13 6.79 13.22 -20.06
C GLU A 13 6.07 12.40 -21.11
N VAL A 14 4.75 12.36 -21.00
CA VAL A 14 3.94 11.60 -21.92
C VAL A 14 3.11 12.53 -22.78
N SER A 15 3.09 12.29 -24.08
CA SER A 15 2.25 13.09 -24.98
C SER A 15 0.82 12.79 -24.61
N ARG A 16 0.04 13.85 -24.45
CA ARG A 16 -1.36 13.76 -24.08
C ARG A 16 -2.16 12.81 -24.96
N GLU A 17 -1.87 12.86 -26.26
CA GLU A 17 -2.58 12.02 -27.21
C GLU A 17 -2.36 10.52 -26.99
N LYS A 18 -1.36 10.16 -26.18
CA LYS A 18 -1.12 8.74 -25.91
C LYS A 18 -1.95 8.19 -24.75
N ILE A 19 -2.66 9.07 -24.05
CA ILE A 19 -3.49 8.66 -22.93
C ILE A 19 -4.97 8.77 -23.29
N THR A 20 -5.75 7.74 -22.98
CA THR A 20 -7.18 7.72 -23.24
C THR A 20 -7.80 7.33 -21.91
N LEU A 21 -8.63 8.20 -21.32
CA LEU A 21 -9.28 7.89 -20.04
C LEU A 21 -10.50 7.07 -20.34
N LEU A 22 -10.72 6.01 -19.56
CA LEU A 22 -11.81 5.10 -19.83
C LEU A 22 -12.98 5.16 -18.87
N ARG A 23 -12.68 5.16 -17.59
CA ARG A 23 -13.73 5.22 -16.57
C ARG A 23 -13.08 5.63 -15.28
N GLU A 24 -13.85 6.16 -14.34
CA GLU A 24 -13.21 6.55 -13.10
C GLU A 24 -13.06 5.40 -12.12
N LEU A 25 -11.89 5.36 -11.49
CA LEU A 25 -11.53 4.35 -10.51
C LEU A 25 -11.93 4.83 -9.12
N GLY A 26 -11.84 6.13 -8.90
CA GLY A 26 -12.19 6.67 -7.60
C GLY A 26 -11.40 7.89 -7.24
N GLN A 27 -11.64 8.42 -6.05
CA GLN A 27 -10.99 9.63 -5.56
C GLN A 27 -9.57 9.42 -5.06
N GLY A 28 -8.71 10.38 -5.37
CA GLY A 28 -7.33 10.36 -4.96
C GLY A 28 -7.17 11.55 -4.02
N SER A 29 -5.96 11.86 -3.60
CA SER A 29 -5.74 12.98 -2.71
C SER A 29 -6.07 14.31 -3.38
N PHE A 30 -5.58 14.49 -4.61
CA PHE A 30 -5.83 15.73 -5.36
C PHE A 30 -7.06 15.72 -6.25
N GLY A 31 -7.69 14.58 -6.48
CA GLY A 31 -8.84 14.56 -7.35
C GLY A 31 -9.14 13.18 -7.87
N MET A 32 -9.94 13.08 -8.92
CA MET A 32 -10.32 11.76 -9.43
C MET A 32 -9.19 10.96 -10.08
N VAL A 33 -9.32 9.63 -10.00
CA VAL A 33 -8.36 8.73 -10.59
C VAL A 33 -9.15 7.94 -11.58
N TYR A 34 -8.58 7.73 -12.75
CA TYR A 34 -9.25 7.02 -13.81
C TYR A 34 -8.45 5.83 -14.27
N GLU A 35 -9.15 4.88 -14.86
CA GLU A 35 -8.48 3.78 -15.45
C GLU A 35 -8.40 4.28 -16.88
N GLY A 36 -7.31 3.98 -17.57
CA GLY A 36 -7.19 4.42 -18.93
C GLY A 36 -6.23 3.50 -19.66
N ASN A 37 -5.87 3.91 -20.87
CA ASN A 37 -4.93 3.24 -21.73
C ASN A 37 -3.87 4.26 -22.08
N ALA A 38 -2.62 3.83 -22.11
CA ALA A 38 -1.51 4.69 -22.45
C ALA A 38 -0.79 3.93 -23.54
N ARG A 39 -0.60 4.61 -24.67
CA ARG A 39 0.08 4.01 -25.79
C ARG A 39 1.57 4.26 -25.73
N ASP A 40 2.34 3.22 -26.05
CA ASP A 40 3.79 3.25 -26.06
C ASP A 40 4.37 3.86 -24.79
N ILE A 41 3.87 3.48 -23.63
CA ILE A 41 4.41 4.03 -22.41
C ILE A 41 5.39 3.04 -21.72
N ILE A 42 5.26 1.76 -22.05
CA ILE A 42 6.11 0.70 -21.51
C ILE A 42 6.75 -0.03 -22.68
N LYS A 43 8.05 -0.23 -22.61
CA LYS A 43 8.74 -0.91 -23.68
C LYS A 43 8.19 -2.29 -23.95
N GLY A 44 8.07 -2.61 -25.23
CA GLY A 44 7.57 -3.92 -25.62
C GLY A 44 6.05 -4.08 -25.66
N GLU A 45 5.34 -3.03 -25.24
CA GLU A 45 3.87 -3.00 -25.18
C GLU A 45 3.33 -1.84 -26.00
N ALA A 46 2.48 -2.11 -26.99
CA ALA A 46 1.87 -1.04 -27.79
C ALA A 46 0.94 -0.18 -26.92
N GLU A 47 0.19 -0.84 -26.04
CA GLU A 47 -0.74 -0.19 -25.13
C GLU A 47 -0.69 -0.84 -23.76
N THR A 48 -0.91 -0.03 -22.75
CA THR A 48 -0.87 -0.47 -21.37
C THR A 48 -2.00 0.16 -20.58
N ARG A 49 -2.69 -0.65 -19.80
CA ARG A 49 -3.77 -0.20 -18.94
C ARG A 49 -3.05 0.52 -17.83
N VAL A 50 -3.56 1.69 -17.45
CA VAL A 50 -2.96 2.52 -16.43
C VAL A 50 -4.01 3.16 -15.57
N ALA A 51 -3.55 3.72 -14.47
CA ALA A 51 -4.39 4.45 -13.54
C ALA A 51 -3.92 5.89 -13.79
N VAL A 52 -4.87 6.80 -14.01
CA VAL A 52 -4.51 8.18 -14.26
C VAL A 52 -5.11 9.10 -13.20
N LYS A 53 -4.23 9.82 -12.52
CA LYS A 53 -4.64 10.74 -11.47
C LYS A 53 -4.74 12.15 -12.04
N THR A 54 -5.68 12.94 -11.52
CA THR A 54 -5.88 14.34 -11.90
C THR A 54 -6.17 15.16 -10.65
N VAL A 55 -6.05 16.46 -10.76
CA VAL A 55 -6.33 17.32 -9.64
C VAL A 55 -7.75 17.85 -9.88
N ASN A 56 -8.52 18.02 -8.80
CA ASN A 56 -9.88 18.54 -8.86
C ASN A 56 -9.87 19.90 -9.50
N GLU A 57 -10.93 20.21 -10.23
CA GLU A 57 -11.03 21.50 -10.91
C GLU A 57 -11.19 22.69 -9.97
N SER A 58 -11.42 22.41 -8.69
CA SER A 58 -11.58 23.48 -7.71
C SER A 58 -10.24 23.78 -7.06
N ALA A 59 -9.23 23.00 -7.39
CA ALA A 59 -7.93 23.19 -6.80
C ALA A 59 -7.30 24.50 -7.22
N SER A 60 -6.61 25.14 -6.29
CA SER A 60 -5.91 26.37 -6.56
C SER A 60 -4.69 26.06 -7.44
N LEU A 61 -4.00 27.11 -7.90
CA LEU A 61 -2.81 26.95 -8.71
C LEU A 61 -1.77 26.22 -7.86
N ARG A 62 -1.65 26.66 -6.62
CA ARG A 62 -0.70 26.07 -5.68
C ARG A 62 -0.92 24.57 -5.60
N GLU A 63 -2.17 24.17 -5.43
CA GLU A 63 -2.50 22.75 -5.34
C GLU A 63 -2.21 22.02 -6.63
N ARG A 64 -2.34 22.71 -7.76
CA ARG A 64 -2.07 22.09 -9.05
C ARG A 64 -0.57 21.83 -9.20
N ILE A 65 0.22 22.77 -8.73
CA ILE A 65 1.67 22.68 -8.77
C ILE A 65 2.14 21.56 -7.80
N GLU A 66 1.55 21.54 -6.61
CA GLU A 66 1.86 20.52 -5.61
C GLU A 66 1.52 19.12 -6.14
N PHE A 67 0.44 19.01 -6.91
CA PHE A 67 0.04 17.75 -7.50
C PHE A 67 1.16 17.24 -8.41
N LEU A 68 1.70 18.10 -9.27
CA LEU A 68 2.78 17.70 -10.16
C LEU A 68 4.12 17.47 -9.45
N ASN A 69 4.39 18.24 -8.41
CA ASN A 69 5.65 18.10 -7.65
C ASN A 69 5.69 16.76 -6.92
N GLU A 70 4.53 16.28 -6.48
CA GLU A 70 4.43 15.00 -5.79
C GLU A 70 4.77 13.92 -6.78
N ALA A 71 4.26 14.01 -8.00
CA ALA A 71 4.57 13.01 -9.02
C ALA A 71 6.08 12.93 -9.24
N SER A 72 6.74 14.08 -9.22
CA SER A 72 8.20 14.14 -9.38
C SER A 72 8.88 13.38 -8.24
N VAL A 73 8.31 13.46 -7.04
CA VAL A 73 8.85 12.76 -5.89
C VAL A 73 8.62 11.28 -6.09
N MET A 74 7.37 10.91 -6.39
CA MET A 74 7.00 9.51 -6.59
C MET A 74 7.83 8.91 -7.71
N LYS A 75 8.37 9.76 -8.56
CA LYS A 75 9.19 9.32 -9.67
C LYS A 75 10.46 8.67 -9.10
N GLY A 76 10.89 9.13 -7.94
CA GLY A 76 12.08 8.59 -7.33
C GLY A 76 11.87 7.30 -6.57
N PHE A 77 10.66 6.75 -6.62
CA PHE A 77 10.37 5.51 -5.93
C PHE A 77 10.26 4.44 -6.97
N THR A 78 11.38 3.80 -7.26
CA THR A 78 11.41 2.78 -8.26
C THR A 78 11.75 1.45 -7.60
N CYS A 79 10.74 0.63 -7.38
CA CYS A 79 10.97 -0.68 -6.79
C CYS A 79 9.82 -1.51 -7.23
N HIS A 80 10.12 -2.72 -7.66
CA HIS A 80 9.14 -3.68 -8.10
C HIS A 80 8.03 -3.86 -7.08
N HIS A 81 8.33 -3.63 -5.81
CA HIS A 81 7.33 -3.83 -4.76
C HIS A 81 6.63 -2.55 -4.28
N VAL A 82 6.65 -1.52 -5.13
CA VAL A 82 6.00 -0.25 -4.86
C VAL A 82 5.31 0.18 -6.20
N VAL A 83 4.03 0.47 -6.16
CA VAL A 83 3.30 0.89 -7.37
C VAL A 83 4.08 2.08 -7.95
N ARG A 84 4.42 2.02 -9.23
CA ARG A 84 5.23 3.08 -9.79
C ARG A 84 4.58 4.09 -10.75
N LEU A 85 5.21 5.25 -10.82
CA LEU A 85 4.82 6.33 -11.71
C LEU A 85 5.35 5.94 -13.07
N LEU A 86 4.48 5.89 -14.05
CA LEU A 86 4.90 5.53 -15.39
C LEU A 86 5.20 6.78 -16.23
N GLY A 87 4.50 7.88 -15.95
CA GLY A 87 4.70 9.08 -16.73
C GLY A 87 3.78 10.21 -16.31
N VAL A 88 3.97 11.37 -16.93
CA VAL A 88 3.18 12.55 -16.60
C VAL A 88 2.94 13.44 -17.84
N VAL A 89 1.73 13.96 -17.95
CA VAL A 89 1.36 14.88 -19.02
C VAL A 89 1.26 16.18 -18.22
N SER A 90 2.33 16.95 -18.26
CA SER A 90 2.42 18.19 -17.48
C SER A 90 1.98 19.48 -18.18
N LYS A 91 1.94 19.44 -19.50
CA LYS A 91 1.57 20.60 -20.29
C LYS A 91 0.12 20.54 -20.75
N GLY A 92 -0.57 21.68 -20.62
CA GLY A 92 -1.97 21.74 -21.00
C GLY A 92 -2.84 21.29 -19.86
N GLN A 93 -4.15 21.32 -20.08
CA GLN A 93 -5.09 20.91 -19.05
C GLN A 93 -5.90 19.71 -19.50
N PRO A 94 -6.11 18.74 -18.59
CA PRO A 94 -5.60 18.77 -17.22
C PRO A 94 -4.24 18.03 -17.18
N THR A 95 -3.45 18.27 -16.15
CA THR A 95 -2.20 17.55 -16.01
C THR A 95 -2.55 16.13 -15.54
N LEU A 96 -1.83 15.16 -16.07
CA LEU A 96 -2.13 13.78 -15.76
C LEU A 96 -0.91 13.05 -15.20
N VAL A 97 -1.10 12.27 -14.15
CA VAL A 97 -0.01 11.49 -13.57
C VAL A 97 -0.43 10.08 -13.88
N VAL A 98 0.36 9.42 -14.72
CA VAL A 98 0.06 8.05 -15.13
C VAL A 98 0.81 7.07 -14.20
N MET A 99 0.05 6.17 -13.59
CA MET A 99 0.59 5.19 -12.67
C MET A 99 0.29 3.81 -13.17
N GLU A 100 1.07 2.84 -12.72
CA GLU A 100 0.84 1.46 -13.11
C GLU A 100 -0.49 1.02 -12.51
N LEU A 101 -1.28 0.29 -13.30
CA LEU A 101 -2.57 -0.19 -12.88
C LEU A 101 -2.40 -1.61 -12.37
N MET A 102 -2.76 -1.81 -11.13
CA MET A 102 -2.65 -3.14 -10.57
C MET A 102 -3.87 -3.95 -10.89
N ALA A 103 -3.69 -4.94 -11.77
CA ALA A 103 -4.78 -5.80 -12.24
C ALA A 103 -5.80 -6.25 -11.20
N HIS A 104 -5.36 -6.55 -9.99
CA HIS A 104 -6.32 -7.00 -9.00
C HIS A 104 -6.71 -6.04 -7.95
N GLY A 105 -6.41 -4.75 -8.15
CA GLY A 105 -6.82 -3.76 -7.18
C GLY A 105 -6.13 -3.83 -5.84
N ASP A 106 -6.73 -3.21 -4.84
CA ASP A 106 -6.15 -3.21 -3.53
C ASP A 106 -6.29 -4.59 -2.86
N LEU A 107 -5.37 -4.87 -1.94
CA LEU A 107 -5.30 -6.13 -1.24
C LEU A 107 -6.50 -6.40 -0.37
N LYS A 108 -7.01 -5.37 0.29
CA LYS A 108 -8.18 -5.55 1.16
C LYS A 108 -9.39 -6.08 0.38
N SER A 109 -9.66 -5.49 -0.78
CA SER A 109 -10.81 -5.91 -1.55
C SER A 109 -10.49 -7.26 -2.20
N TYR A 110 -9.25 -7.44 -2.61
CA TYR A 110 -8.83 -8.71 -3.22
C TYR A 110 -9.00 -9.87 -2.21
N LEU A 111 -8.52 -9.68 -0.98
CA LEU A 111 -8.64 -10.69 0.08
C LEU A 111 -10.12 -10.97 0.36
N ARG A 112 -10.93 -9.91 0.47
CA ARG A 112 -12.34 -10.14 0.70
C ARG A 112 -13.03 -10.91 -0.42
N SER A 113 -12.56 -10.75 -1.64
CA SER A 113 -13.17 -11.44 -2.77
C SER A 113 -12.87 -12.93 -2.71
N LEU A 114 -11.84 -13.31 -1.96
CA LEU A 114 -11.40 -14.70 -1.86
C LEU A 114 -12.20 -15.48 -0.86
N ARG A 115 -13.10 -14.81 -0.14
CA ARG A 115 -13.90 -15.50 0.84
C ARG A 115 -14.74 -16.57 0.13
N PRO A 116 -15.00 -17.71 0.80
CA PRO A 116 -15.77 -18.86 0.27
C PRO A 116 -17.10 -18.50 -0.39
N GLU A 117 -17.81 -17.54 0.20
CA GLU A 117 -19.10 -17.14 -0.33
C GLU A 117 -19.12 -15.76 -0.99
N ALA A 118 -17.94 -15.22 -1.33
CA ALA A 118 -17.91 -13.89 -1.95
C ALA A 118 -18.58 -13.98 -3.31
N GLU A 119 -19.40 -12.99 -3.63
CA GLU A 119 -20.08 -12.96 -4.93
C GLU A 119 -19.04 -12.73 -6.04
N ASN A 120 -18.00 -11.99 -5.71
CA ASN A 120 -16.93 -11.68 -6.66
C ASN A 120 -15.74 -12.60 -6.50
N ASN A 121 -15.97 -13.80 -5.97
CA ASN A 121 -14.87 -14.71 -5.79
C ASN A 121 -14.26 -15.06 -7.16
N PRO A 122 -12.96 -14.80 -7.35
CA PRO A 122 -12.23 -15.07 -8.59
C PRO A 122 -12.21 -16.52 -9.04
N GLY A 123 -12.59 -17.42 -8.14
CA GLY A 123 -12.55 -18.85 -8.42
C GLY A 123 -11.12 -19.30 -8.10
N ARG A 124 -10.56 -18.65 -7.09
CA ARG A 124 -9.20 -18.89 -6.63
C ARG A 124 -9.33 -19.14 -5.13
N PRO A 125 -8.44 -19.95 -4.54
CA PRO A 125 -8.57 -20.18 -3.10
C PRO A 125 -7.87 -19.11 -2.29
N PRO A 126 -8.23 -18.97 -1.01
CA PRO A 126 -7.56 -17.95 -0.19
C PRO A 126 -6.06 -18.28 -0.25
N PRO A 127 -5.19 -17.26 -0.09
CA PRO A 127 -3.76 -17.57 -0.17
C PRO A 127 -3.26 -18.70 0.71
N THR A 128 -2.42 -19.54 0.11
CA THR A 128 -1.80 -20.65 0.82
C THR A 128 -0.72 -20.07 1.74
N LEU A 129 -0.16 -20.88 2.64
CA LEU A 129 0.91 -20.40 3.52
C LEU A 129 2.02 -19.78 2.68
N GLN A 130 2.35 -20.49 1.60
CA GLN A 130 3.38 -20.12 0.66
C GLN A 130 3.09 -18.73 0.04
N GLU A 131 1.85 -18.52 -0.37
CA GLU A 131 1.47 -17.24 -0.98
C GLU A 131 1.48 -16.11 0.05
N MET A 132 1.03 -16.42 1.27
CA MET A 132 1.02 -15.44 2.34
C MET A 132 2.45 -15.02 2.64
N ILE A 133 3.36 -15.97 2.72
CA ILE A 133 4.74 -15.61 3.00
C ILE A 133 5.31 -14.79 1.86
N GLN A 134 4.94 -15.13 0.63
CA GLN A 134 5.43 -14.38 -0.54
C GLN A 134 4.93 -12.93 -0.45
N MET A 135 3.64 -12.76 -0.21
CA MET A 135 3.03 -11.43 -0.06
C MET A 135 3.70 -10.66 1.03
N ALA A 136 3.95 -11.34 2.14
CA ALA A 136 4.58 -10.72 3.29
C ALA A 136 5.96 -10.15 2.95
N ALA A 137 6.75 -10.93 2.22
CA ALA A 137 8.10 -10.49 1.86
C ALA A 137 8.05 -9.34 0.84
N GLU A 138 7.11 -9.39 -0.10
CA GLU A 138 6.96 -8.33 -1.10
C GLU A 138 6.57 -7.01 -0.40
N ILE A 139 5.63 -7.09 0.54
CA ILE A 139 5.19 -5.91 1.27
C ILE A 139 6.32 -5.37 2.13
N ALA A 140 6.93 -6.26 2.91
CA ALA A 140 8.03 -5.84 3.75
C ALA A 140 9.14 -5.35 2.90
N ASP A 141 9.33 -5.94 1.73
CA ASP A 141 10.42 -5.47 0.87
C ASP A 141 10.16 -4.04 0.32
N GLY A 142 8.94 -3.78 -0.13
CA GLY A 142 8.61 -2.46 -0.64
C GLY A 142 8.72 -1.46 0.51
N MET A 143 8.26 -1.86 1.70
CA MET A 143 8.37 -0.97 2.87
C MET A 143 9.85 -0.72 3.25
N ALA A 144 10.70 -1.73 3.02
CA ALA A 144 12.12 -1.61 3.30
C ALA A 144 12.68 -0.55 2.34
N TYR A 145 12.30 -0.64 1.08
CA TYR A 145 12.73 0.32 0.08
C TYR A 145 12.30 1.73 0.52
N LEU A 146 11.02 1.89 0.84
CA LEU A 146 10.50 3.19 1.28
C LEU A 146 11.20 3.69 2.54
N ASN A 147 11.41 2.81 3.51
CA ASN A 147 12.08 3.23 4.73
C ASN A 147 13.51 3.68 4.41
N ALA A 148 14.11 3.05 3.41
CA ALA A 148 15.46 3.38 2.98
C ALA A 148 15.45 4.79 2.40
N LYS A 149 14.30 5.19 1.90
CA LYS A 149 14.08 6.53 1.35
C LYS A 149 13.60 7.45 2.47
N LYS A 150 13.63 6.96 3.72
CA LYS A 150 13.18 7.70 4.91
C LYS A 150 11.70 8.03 4.90
N PHE A 151 10.92 7.18 4.26
CA PHE A 151 9.48 7.39 4.19
C PHE A 151 8.76 6.60 5.29
N VAL A 152 7.89 7.28 6.04
CA VAL A 152 7.08 6.63 7.07
C VAL A 152 5.69 6.64 6.44
N HIS A 153 5.16 5.46 6.14
CA HIS A 153 3.88 5.36 5.51
C HIS A 153 2.73 6.03 6.29
N ARG A 154 2.59 5.65 7.55
CA ARG A 154 1.55 6.14 8.45
C ARG A 154 0.18 5.48 8.20
N ASP A 155 0.02 4.79 7.08
CA ASP A 155 -1.28 4.16 6.86
C ASP A 155 -1.15 2.83 6.12
N LEU A 156 -0.14 2.05 6.48
CA LEU A 156 0.06 0.74 5.87
C LEU A 156 -1.09 -0.14 6.35
N ALA A 157 -1.72 -0.84 5.40
CA ALA A 157 -2.87 -1.64 5.70
C ALA A 157 -3.09 -2.30 4.39
N ALA A 158 -3.88 -3.39 4.36
CA ALA A 158 -4.12 -4.09 3.12
C ALA A 158 -4.80 -3.16 2.10
N ARG A 159 -5.68 -2.26 2.55
CA ARG A 159 -6.38 -1.32 1.64
C ARG A 159 -5.36 -0.48 0.94
N ASN A 160 -4.18 -0.34 1.56
CA ASN A 160 -3.11 0.44 0.96
C ASN A 160 -2.00 -0.33 0.28
N CYS A 161 -2.36 -1.49 -0.25
CA CYS A 161 -1.42 -2.34 -0.95
C CYS A 161 -2.22 -2.75 -2.14
N MET A 162 -1.54 -3.12 -3.22
CA MET A 162 -2.23 -3.51 -4.41
C MET A 162 -1.69 -4.81 -4.96
N VAL A 163 -2.54 -5.48 -5.73
CA VAL A 163 -2.22 -6.78 -6.27
C VAL A 163 -2.11 -6.75 -7.79
N ALA A 164 -0.95 -7.17 -8.31
CA ALA A 164 -0.69 -7.19 -9.75
C ALA A 164 -1.35 -8.42 -10.38
N HIS A 165 -1.20 -8.53 -11.71
CA HIS A 165 -1.77 -9.65 -12.49
C HIS A 165 -1.20 -11.01 -12.07
N ASP A 166 0.07 -11.02 -11.68
CA ASP A 166 0.71 -12.27 -11.27
C ASP A 166 0.66 -12.38 -9.76
N PHE A 167 -0.21 -11.58 -9.14
CA PHE A 167 -0.42 -11.58 -7.70
C PHE A 167 0.65 -11.00 -6.81
N THR A 168 1.61 -10.32 -7.40
CA THR A 168 2.65 -9.64 -6.63
C THR A 168 1.94 -8.53 -5.84
N VAL A 169 2.31 -8.36 -4.59
CA VAL A 169 1.72 -7.32 -3.78
C VAL A 169 2.71 -6.15 -3.74
N LYS A 170 2.19 -4.93 -3.97
CA LYS A 170 3.03 -3.73 -3.97
C LYS A 170 2.47 -2.68 -3.03
N ILE A 171 3.31 -1.79 -2.54
CA ILE A 171 2.85 -0.72 -1.68
C ILE A 171 2.29 0.37 -2.62
N GLY A 172 1.06 0.78 -2.40
CA GLY A 172 0.48 1.83 -3.23
C GLY A 172 -1.00 2.03 -2.99
N ASP A 173 -1.45 3.27 -3.12
CA ASP A 173 -2.85 3.64 -2.95
C ASP A 173 -3.07 5.00 -3.63
N PHE A 174 -4.28 5.22 -4.15
CA PHE A 174 -4.61 6.48 -4.84
C PHE A 174 -4.92 7.64 -3.89
N GLY A 175 -5.32 7.32 -2.67
CA GLY A 175 -5.63 8.35 -1.70
C GLY A 175 -7.12 8.33 -1.38
N MET A 176 -7.65 7.14 -1.05
CA MET A 176 -9.07 7.02 -0.72
C MET A 176 -9.36 6.64 0.74
N THR A 177 -9.13 7.58 1.65
CA THR A 177 -9.41 7.35 3.06
C THR A 177 -10.91 7.11 3.09
N ARG A 178 -11.65 8.04 2.50
CA ARG A 178 -13.09 7.92 2.40
C ARG A 178 -13.32 7.11 1.11
N ASP A 179 -13.96 5.95 1.27
CA ASP A 179 -14.26 5.04 0.17
C ASP A 179 -15.15 3.97 0.81
N ILE A 180 -15.05 2.74 0.31
CA ILE A 180 -15.81 1.62 0.87
C ILE A 180 -15.19 1.28 2.23
N TYR A 181 -14.01 1.85 2.48
CA TYR A 181 -13.25 1.62 3.70
C TYR A 181 -13.21 2.79 4.66
N GLU A 182 -14.25 3.63 4.63
CA GLU A 182 -14.34 4.80 5.51
C GLU A 182 -14.35 4.35 6.96
N THR A 183 -15.03 3.23 7.21
CA THR A 183 -15.11 2.64 8.53
C THR A 183 -13.75 2.17 9.06
N ASP A 184 -12.72 2.12 8.20
CA ASP A 184 -11.38 1.76 8.64
C ASP A 184 -10.67 2.94 9.35
N TYR A 185 -11.37 4.09 9.44
CA TYR A 185 -10.83 5.32 10.04
C TYR A 185 -11.78 5.89 11.10
N TYR A 186 -11.23 6.41 12.20
CA TYR A 186 -12.02 6.95 13.29
C TYR A 186 -11.46 8.25 13.88
N ARG A 187 -12.35 9.20 14.15
CA ARG A 187 -11.97 10.48 14.73
C ARG A 187 -11.72 10.34 16.21
N LYS A 188 -10.51 9.90 16.52
CA LYS A 188 -10.09 9.72 17.89
C LYS A 188 -10.29 11.07 18.58
N GLY A 189 -11.00 11.07 19.70
CA GLY A 189 -11.26 12.30 20.42
C GLY A 189 -12.03 13.33 19.62
N GLY A 190 -12.82 12.87 18.65
CA GLY A 190 -13.59 13.77 17.83
C GLY A 190 -12.72 14.61 16.91
N LYS A 191 -11.45 14.22 16.80
CA LYS A 191 -10.52 14.95 15.97
C LYS A 191 -10.37 14.43 14.54
N GLY A 192 -9.14 14.20 14.10
CA GLY A 192 -8.95 13.75 12.73
C GLY A 192 -9.20 12.27 12.53
N LEU A 193 -9.47 11.92 11.28
CA LEU A 193 -9.70 10.51 10.88
C LEU A 193 -8.41 9.70 10.92
N LEU A 194 -8.32 8.78 11.87
CA LEU A 194 -7.12 7.97 12.03
C LEU A 194 -7.41 6.50 11.82
N PRO A 195 -6.50 5.77 11.16
CA PRO A 195 -6.73 4.33 10.93
C PRO A 195 -6.41 3.60 12.26
N VAL A 196 -7.23 3.88 13.28
CA VAL A 196 -7.00 3.34 14.59
C VAL A 196 -6.73 1.84 14.77
N ARG A 197 -7.44 0.99 14.04
CA ARG A 197 -7.27 -0.47 14.15
C ARG A 197 -5.95 -0.96 13.55
N TRP A 198 -5.21 -0.06 12.90
CA TRP A 198 -3.90 -0.39 12.29
C TRP A 198 -2.73 0.31 12.97
N MET A 199 -3.05 1.14 13.94
CA MET A 199 -2.05 1.94 14.63
C MET A 199 -1.35 1.35 15.83
N ALA A 200 -0.05 1.57 15.91
CA ALA A 200 0.72 1.08 17.04
C ALA A 200 0.29 1.80 18.32
N PRO A 201 0.46 1.16 19.49
CA PRO A 201 0.06 1.80 20.75
C PRO A 201 0.69 3.19 20.99
N GLU A 202 1.92 3.40 20.55
CA GLU A 202 2.54 4.71 20.75
C GLU A 202 1.95 5.81 19.81
N SER A 203 1.50 5.42 18.63
CA SER A 203 0.90 6.38 17.72
C SER A 203 -0.43 6.84 18.30
N LEU A 204 -1.19 5.90 18.83
CA LEU A 204 -2.47 6.17 19.45
C LEU A 204 -2.32 7.06 20.69
N LYS A 205 -1.32 6.73 21.51
CA LYS A 205 -1.10 7.48 22.71
C LYS A 205 -0.44 8.85 22.49
N ASP A 206 0.54 8.94 21.59
CA ASP A 206 1.22 10.21 21.38
C ASP A 206 1.14 10.80 19.99
N GLY A 207 0.44 10.15 19.08
CA GLY A 207 0.32 10.67 17.73
C GLY A 207 1.56 10.62 16.87
N VAL A 208 2.62 10.03 17.38
CA VAL A 208 3.85 9.91 16.61
C VAL A 208 3.85 8.65 15.72
N PHE A 209 4.42 8.77 14.53
CA PHE A 209 4.49 7.68 13.58
C PHE A 209 5.93 7.50 13.16
N THR A 210 6.40 6.26 13.16
CA THR A 210 7.77 5.95 12.76
C THR A 210 7.73 4.66 11.93
N THR A 211 8.89 4.22 11.45
CA THR A 211 8.95 2.98 10.69
C THR A 211 8.55 1.84 11.63
N SER A 212 8.79 2.04 12.93
CA SER A 212 8.43 1.05 13.93
C SER A 212 6.93 0.92 14.05
N SER A 213 6.19 2.02 13.88
CA SER A 213 4.74 1.98 13.96
C SER A 213 4.28 1.40 12.63
N ASP A 214 5.05 1.62 11.59
CA ASP A 214 4.71 1.03 10.31
C ASP A 214 4.79 -0.52 10.44
N MET A 215 5.80 -0.99 11.19
CA MET A 215 6.00 -2.44 11.38
C MET A 215 4.79 -3.06 12.06
N TRP A 216 4.24 -2.34 13.05
CA TRP A 216 3.05 -2.77 13.76
C TRP A 216 1.91 -3.02 12.76
N SER A 217 1.70 -2.02 11.90
CA SER A 217 0.66 -2.05 10.86
C SER A 217 0.92 -3.20 9.92
N PHE A 218 2.19 -3.43 9.60
CA PHE A 218 2.60 -4.55 8.73
C PHE A 218 2.12 -5.86 9.38
N GLY A 219 2.25 -5.95 10.70
CA GLY A 219 1.78 -7.12 11.40
C GLY A 219 0.30 -7.26 11.19
N VAL A 220 -0.42 -6.13 11.26
CA VAL A 220 -1.87 -6.12 11.03
C VAL A 220 -2.20 -6.57 9.60
N VAL A 221 -1.38 -6.17 8.63
CA VAL A 221 -1.57 -6.56 7.25
C VAL A 221 -1.45 -8.09 7.12
N LEU A 222 -0.44 -8.66 7.78
CA LEU A 222 -0.24 -10.11 7.77
C LEU A 222 -1.50 -10.74 8.32
N TRP A 223 -2.00 -10.18 9.41
CA TRP A 223 -3.20 -10.66 10.02
C TRP A 223 -4.38 -10.55 9.05
N GLU A 224 -4.40 -9.51 8.22
CA GLU A 224 -5.50 -9.37 7.29
C GLU A 224 -5.42 -10.44 6.24
N ILE A 225 -4.21 -10.87 5.89
CA ILE A 225 -4.08 -11.93 4.91
C ILE A 225 -4.66 -13.22 5.52
N THR A 226 -4.38 -13.47 6.80
CA THR A 226 -4.86 -14.68 7.45
C THR A 226 -6.35 -14.67 7.64
N SER A 227 -6.93 -13.49 7.91
CA SER A 227 -8.35 -13.41 8.13
C SER A 227 -9.15 -13.01 6.90
N LEU A 228 -8.51 -12.94 5.74
CA LEU A 228 -9.18 -12.49 4.51
C LEU A 228 -9.80 -11.09 4.72
N ALA A 229 -9.00 -10.26 5.39
CA ALA A 229 -9.30 -8.87 5.66
C ALA A 229 -10.54 -8.57 6.49
N GLU A 230 -10.70 -9.26 7.61
CA GLU A 230 -11.80 -8.95 8.50
C GLU A 230 -11.34 -7.61 9.09
N GLN A 231 -12.23 -6.97 9.85
CA GLN A 231 -11.89 -5.73 10.51
C GLN A 231 -11.10 -6.10 11.75
N PRO A 232 -9.93 -5.51 11.93
CA PRO A 232 -9.15 -5.84 13.13
C PRO A 232 -9.98 -5.52 14.36
N TYR A 233 -9.94 -6.40 15.36
CA TYR A 233 -10.67 -6.25 16.63
C TYR A 233 -12.13 -6.04 16.35
N GLN A 234 -12.67 -6.76 15.39
CA GLN A 234 -14.06 -6.61 14.97
C GLN A 234 -15.06 -6.61 16.10
N GLY A 235 -14.72 -7.25 17.22
CA GLY A 235 -15.65 -7.31 18.33
C GLY A 235 -15.61 -6.08 19.20
N LEU A 236 -14.68 -5.16 18.93
CA LEU A 236 -14.53 -3.96 19.73
C LEU A 236 -14.91 -2.72 18.94
N SER A 237 -15.41 -1.71 19.66
CA SER A 237 -15.77 -0.44 19.04
C SER A 237 -14.46 0.31 18.93
N ASN A 238 -14.47 1.43 18.22
CA ASN A 238 -13.28 2.25 18.05
C ASN A 238 -12.66 2.68 19.35
N GLU A 239 -13.51 3.12 20.28
CA GLU A 239 -13.06 3.55 21.59
C GLU A 239 -12.42 2.37 22.32
N GLN A 240 -13.03 1.20 22.18
CA GLN A 240 -12.50 0.01 22.83
C GLN A 240 -11.14 -0.36 22.26
N VAL A 241 -10.98 -0.24 20.95
CA VAL A 241 -9.72 -0.53 20.32
C VAL A 241 -8.63 0.34 20.93
N LEU A 242 -8.93 1.63 21.10
CA LEU A 242 -7.96 2.56 21.67
C LEU A 242 -7.43 2.09 23.02
N LYS A 243 -8.34 1.72 23.92
CA LYS A 243 -7.97 1.26 25.25
C LYS A 243 -7.23 -0.08 25.20
N PHE A 244 -7.78 -1.02 24.43
CA PHE A 244 -7.21 -2.35 24.28
C PHE A 244 -5.77 -2.27 23.78
N VAL A 245 -5.56 -1.58 22.69
CA VAL A 245 -4.24 -1.46 22.14
C VAL A 245 -3.29 -0.67 23.03
N MET A 246 -3.75 0.43 23.61
CA MET A 246 -2.86 1.21 24.48
C MET A 246 -2.48 0.45 25.74
N ASP A 247 -3.33 -0.48 26.15
CA ASP A 247 -3.09 -1.30 27.32
C ASP A 247 -2.12 -2.45 27.02
N GLY A 248 -1.77 -2.62 25.75
CA GLY A 248 -0.86 -3.68 25.37
C GLY A 248 -1.51 -4.82 24.62
N GLY A 249 -2.81 -4.68 24.34
CA GLY A 249 -3.48 -5.73 23.59
C GLY A 249 -2.98 -5.78 22.16
N TYR A 250 -3.19 -6.93 21.53
CA TYR A 250 -2.83 -7.13 20.14
C TYR A 250 -3.73 -8.20 19.61
N LEU A 251 -3.75 -8.36 18.30
CA LEU A 251 -4.65 -9.30 17.65
C LEU A 251 -4.36 -10.75 17.99
N ASP A 252 -5.42 -11.56 17.99
CA ASP A 252 -5.28 -12.98 18.30
C ASP A 252 -4.52 -13.73 17.23
N GLN A 253 -3.62 -14.59 17.71
CA GLN A 253 -2.81 -15.43 16.87
C GLN A 253 -3.73 -16.21 15.95
N PRO A 254 -3.50 -16.13 14.63
CA PRO A 254 -4.35 -16.87 13.69
C PRO A 254 -4.27 -18.41 13.85
N ASP A 255 -5.35 -19.11 13.51
CA ASP A 255 -5.40 -20.58 13.59
C ASP A 255 -4.73 -21.20 12.39
N ASN A 256 -4.26 -22.43 12.54
CA ASN A 256 -3.62 -23.18 11.46
C ASN A 256 -2.62 -22.32 10.69
N CYS A 257 -1.70 -21.72 11.45
CA CYS A 257 -0.67 -20.86 10.91
C CYS A 257 0.58 -21.24 11.67
N PRO A 258 1.68 -21.52 10.96
CA PRO A 258 2.95 -21.92 11.57
C PRO A 258 3.46 -20.98 12.65
N GLU A 259 4.17 -21.56 13.61
CA GLU A 259 4.73 -20.82 14.72
C GLU A 259 5.65 -19.73 14.21
N ARG A 260 6.38 -20.04 13.14
CA ARG A 260 7.31 -19.09 12.56
C ARG A 260 6.59 -17.82 12.11
N VAL A 261 5.40 -17.99 11.54
CA VAL A 261 4.59 -16.89 11.04
C VAL A 261 3.94 -16.11 12.17
N THR A 262 3.24 -16.82 13.04
CA THR A 262 2.58 -16.18 14.17
C THR A 262 3.57 -15.45 15.06
N ASP A 263 4.77 -16.01 15.21
CA ASP A 263 5.82 -15.39 16.02
C ASP A 263 6.28 -14.09 15.39
N LEU A 264 6.30 -14.10 14.06
CA LEU A 264 6.71 -12.93 13.29
C LEU A 264 5.67 -11.85 13.53
N MET A 265 4.39 -12.24 13.52
CA MET A 265 3.30 -11.32 13.79
C MET A 265 3.45 -10.80 15.22
N ARG A 266 3.73 -11.70 16.16
CA ARG A 266 3.90 -11.30 17.56
C ARG A 266 5.02 -10.27 17.72
N MET A 267 6.13 -10.45 16.98
CA MET A 267 7.27 -9.53 17.03
C MET A 267 6.84 -8.12 16.58
N CYS A 268 6.03 -8.06 15.53
CA CYS A 268 5.52 -6.79 15.00
C CYS A 268 4.69 -6.07 16.04
N TRP A 269 3.98 -6.84 16.83
CA TRP A 269 3.13 -6.31 17.86
C TRP A 269 3.77 -6.14 19.23
N GLN A 270 5.10 -6.08 19.26
CA GLN A 270 5.81 -5.85 20.52
C GLN A 270 5.41 -4.46 20.98
N PHE A 271 5.15 -4.32 22.28
CA PHE A 271 4.71 -3.03 22.81
C PHE A 271 5.72 -1.92 22.63
N ASN A 272 6.98 -2.24 22.91
CA ASN A 272 8.07 -1.31 22.78
C ASN A 272 8.44 -1.30 21.30
N PRO A 273 8.33 -0.14 20.65
CA PRO A 273 8.69 -0.06 19.23
C PRO A 273 10.10 -0.55 18.97
N LYS A 274 10.99 -0.33 19.94
CA LYS A 274 12.38 -0.74 19.79
C LYS A 274 12.52 -2.26 19.66
N MET A 275 11.56 -3.02 20.19
CA MET A 275 11.63 -4.48 20.10
C MET A 275 11.09 -5.06 18.81
N ARG A 276 10.56 -4.20 17.94
CA ARG A 276 9.98 -4.70 16.69
C ARG A 276 11.00 -4.88 15.61
N PRO A 277 10.76 -5.83 14.72
CA PRO A 277 11.71 -6.04 13.63
C PRO A 277 11.75 -4.81 12.70
N THR A 278 12.72 -4.77 11.81
CA THR A 278 12.81 -3.73 10.79
C THR A 278 12.25 -4.49 9.60
N PHE A 279 11.92 -3.77 8.52
CA PHE A 279 11.39 -4.43 7.33
C PHE A 279 12.42 -5.31 6.64
N LEU A 280 13.68 -4.88 6.70
CA LEU A 280 14.77 -5.69 6.12
C LEU A 280 14.88 -7.02 6.88
N GLU A 281 14.76 -6.97 8.21
CA GLU A 281 14.80 -8.17 9.02
C GLU A 281 13.63 -9.08 8.67
N ILE A 282 12.47 -8.48 8.39
CA ILE A 282 11.33 -9.30 8.02
C ILE A 282 11.68 -10.06 6.75
N VAL A 283 12.23 -9.37 5.76
CA VAL A 283 12.57 -10.06 4.51
C VAL A 283 13.65 -11.13 4.73
N ASN A 284 14.67 -10.80 5.53
CA ASN A 284 15.72 -11.76 5.86
C ASN A 284 15.08 -13.03 6.41
N LEU A 285 14.08 -12.86 7.26
CA LEU A 285 13.37 -13.97 7.87
C LEU A 285 12.59 -14.83 6.90
N LEU A 286 12.20 -14.30 5.76
CA LEU A 286 11.38 -15.09 4.84
C LEU A 286 12.03 -15.41 3.52
N LYS A 287 13.20 -14.81 3.29
CA LYS A 287 13.96 -14.95 2.04
C LYS A 287 14.22 -16.36 1.55
N ASP A 288 14.41 -17.30 2.47
CA ASP A 288 14.72 -18.67 2.09
C ASP A 288 13.61 -19.44 1.42
N ASP A 289 12.37 -18.96 1.49
CA ASP A 289 11.29 -19.70 0.87
C ASP A 289 10.40 -18.87 -0.02
N LEU A 290 10.99 -18.13 -0.94
CA LEU A 290 10.22 -17.26 -1.83
C LEU A 290 10.38 -17.68 -3.28
N HIS A 291 9.53 -17.11 -4.13
CA HIS A 291 9.57 -17.36 -5.55
C HIS A 291 10.97 -17.04 -6.07
N PRO A 292 11.51 -17.87 -6.99
CA PRO A 292 12.86 -17.66 -7.54
C PRO A 292 13.18 -16.27 -8.09
N SER A 293 12.17 -15.55 -8.57
CA SER A 293 12.37 -14.20 -9.10
C SER A 293 12.68 -13.18 -8.01
N PHE A 294 12.32 -13.48 -6.76
CA PHE A 294 12.51 -12.53 -5.67
C PHE A 294 13.85 -11.83 -5.64
N PRO A 295 14.96 -12.60 -5.68
CA PRO A 295 16.27 -11.95 -5.66
C PRO A 295 16.49 -11.03 -6.84
N GLU A 296 15.81 -11.31 -7.95
CA GLU A 296 15.93 -10.50 -9.16
C GLU A 296 15.23 -9.14 -9.03
N VAL A 297 14.24 -9.04 -8.16
CA VAL A 297 13.51 -7.78 -8.06
C VAL A 297 13.44 -7.09 -6.71
N SER A 298 13.90 -7.75 -5.65
CA SER A 298 13.75 -7.15 -4.34
C SER A 298 14.74 -6.06 -4.03
N PHE A 299 14.32 -5.12 -3.19
CA PHE A 299 15.21 -4.08 -2.73
C PHE A 299 16.26 -4.82 -1.82
N PHE A 300 15.77 -5.80 -1.06
CA PHE A 300 16.60 -6.60 -0.14
C PHE A 300 17.86 -7.15 -0.79
N HIS A 301 17.73 -7.80 -1.93
CA HIS A 301 18.90 -8.37 -2.62
C HIS A 301 19.54 -7.41 -3.58
N SER A 302 19.16 -6.13 -3.53
CA SER A 302 19.70 -5.17 -4.48
C SER A 302 20.95 -4.49 -4.00
N GLU A 303 21.66 -3.91 -4.96
CA GLU A 303 22.85 -3.14 -4.66
C GLU A 303 22.43 -1.88 -3.94
N GLU A 304 21.14 -1.54 -4.00
CA GLU A 304 20.62 -0.34 -3.31
C GLU A 304 20.45 -0.52 -1.82
N ASN A 305 20.37 -1.76 -1.38
CA ASN A 305 20.22 -2.06 0.04
C ASN A 305 21.60 -1.88 0.69
N LYS A 306 21.88 -0.66 1.11
CA LYS A 306 23.18 -0.36 1.70
C LYS A 306 23.19 -0.02 3.19
HG EMC B . 13.44 -2.46 -5.21
C1 EMC B . 15.33 -2.01 -5.72
C2 EMC B . 15.77 -2.92 -6.77
HG EMC C . -0.85 -18.46 8.03
C1 EMC C . -1.48 -18.65 6.08
C2 EMC C . -2.29 -17.49 5.53
#